data_4HBK
#
_entry.id   4HBK
#
_cell.length_a   67.486
_cell.length_b   90.990
_cell.length_c   54.667
_cell.angle_alpha   90.00
_cell.angle_beta   90.00
_cell.angle_gamma   90.00
#
_symmetry.space_group_name_H-M   'P 21 21 2'
#
loop_
_entity.id
_entity.type
_entity.pdbx_description
1 polymer 'Aldo-keto reductase family 1, member B4 (Aldose reductase)'
2 water water
#
_entity_poly.entity_id   1
_entity_poly.type   'polypeptide(L)'
_entity_poly.pdbx_seq_one_letter_code
;MGSSHHHHHHSSGLVPRGSHMASMTGGQQMGRGSMEPLKMNNGRSIPVIGLGTWNSPPGEVGAAVKKALEIGYRHLDCAY
VYRNEAEIGEALENALNSLRLKREDIFITSKLWNTFFRPEHVRKACEETLKNLRLNYLDLYLIHWPVPLKHGGDLFPTDS
NGQLCLDNVPHEDTWKEMEKLVDEGLVKSIGLSNFNKRQIQNILEHCRIKPANLQIEIHANFPNIKLVEYAQSVGLTVTA
YAPLGSPAHSPGKVNLLTKPCVLEIAHRHKKTPAQVLLRYLLQRKLIVVPKSVTFKRIEENFQVFDFQLSNEEMHELNTE
SLNERQFTLLQMSGHQEYPFKEEY
;
_entity_poly.pdbx_strand_id   A
#
# COMPACT_ATOMS: atom_id res chain seq x y z
N MET A 35 -9.35 6.58 15.66
CA MET A 35 -10.57 6.92 14.91
C MET A 35 -11.02 5.81 13.94
N GLU A 36 -12.07 6.11 13.19
CA GLU A 36 -12.82 5.08 12.47
C GLU A 36 -12.21 4.61 11.16
N PRO A 37 -12.34 3.30 10.90
CA PRO A 37 -11.91 2.69 9.64
C PRO A 37 -12.58 3.42 8.50
N LEU A 38 -11.91 3.49 7.35
CA LEU A 38 -12.52 4.09 6.19
C LEU A 38 -13.50 3.09 5.52
N LYS A 39 -14.65 3.59 5.10
CA LYS A 39 -15.64 2.76 4.43
C LYS A 39 -15.38 2.73 2.94
N MET A 40 -15.33 1.54 2.36
CA MET A 40 -14.96 1.42 0.96
C MET A 40 -16.21 1.32 0.09
N ASN A 41 -16.04 1.44 -1.21
CA ASN A 41 -17.22 1.46 -2.08
C ASN A 41 -18.01 0.16 -2.12
N ASN A 42 -17.49 -0.91 -1.53
CA ASN A 42 -18.22 -2.18 -1.49
C ASN A 42 -18.83 -2.45 -0.12
N GLY A 43 -18.84 -1.43 0.75
CA GLY A 43 -19.47 -1.56 2.04
C GLY A 43 -18.52 -1.99 3.15
N ARG A 44 -17.38 -2.57 2.76
CA ARG A 44 -16.40 -3.04 3.76
C ARG A 44 -15.53 -1.88 4.28
N SER A 45 -14.92 -2.08 5.44
CA SER A 45 -14.08 -1.04 6.05
C SER A 45 -12.61 -1.42 6.05
N ILE A 46 -11.77 -0.40 6.02
CA ILE A 46 -10.34 -0.60 6.14
C ILE A 46 -9.74 0.33 7.20
N PRO A 47 -8.96 -0.22 8.14
CA PRO A 47 -8.29 0.56 9.19
C PRO A 47 -7.35 1.61 8.62
N VAL A 48 -7.38 2.82 9.16
CA VAL A 48 -6.67 3.93 8.54
C VAL A 48 -5.16 3.90 8.76
N ILE A 49 -4.68 3.01 9.62
CA ILE A 49 -3.25 2.77 9.73
C ILE A 49 -2.96 1.27 9.68
N GLY A 50 -1.89 0.91 8.99
CA GLY A 50 -1.46 -0.48 8.92
C GLY A 50 0.05 -0.55 8.97
N LEU A 51 0.58 -1.73 9.31
CA LEU A 51 2.02 -1.92 9.28
C LEU A 51 2.48 -2.18 7.85
N GLY A 52 3.39 -1.36 7.36
CA GLY A 52 3.99 -1.59 6.06
C GLY A 52 5.15 -2.55 6.21
N THR A 53 5.26 -3.52 5.30
CA THR A 53 6.37 -4.45 5.36
C THR A 53 7.28 -4.27 4.14
N TRP A 54 8.48 -4.81 4.21
CA TRP A 54 9.37 -4.77 3.07
C TRP A 54 10.43 -5.85 3.22
N ASN A 55 11.31 -5.94 2.23
CA ASN A 55 12.38 -6.92 2.25
C ASN A 55 13.45 -6.52 3.26
N SER A 56 13.06 -6.50 4.53
CA SER A 56 13.97 -6.18 5.63
C SER A 56 14.80 -7.39 6.02
N PRO A 57 15.90 -7.17 6.75
CA PRO A 57 16.80 -8.24 7.21
C PRO A 57 16.04 -9.37 7.88
N PRO A 58 16.55 -10.61 7.77
CA PRO A 58 15.82 -11.81 8.17
C PRO A 58 15.39 -11.80 9.64
N GLY A 59 14.14 -12.19 9.90
CA GLY A 59 13.64 -12.26 11.26
C GLY A 59 13.10 -10.94 11.77
N GLU A 60 13.39 -9.86 11.06
CA GLU A 60 12.89 -8.56 11.49
C GLU A 60 11.37 -8.41 11.23
N VAL A 61 10.89 -8.86 10.08
CA VAL A 61 9.48 -8.70 9.76
C VAL A 61 8.56 -9.49 10.71
N GLY A 62 8.95 -10.71 11.04
CA GLY A 62 8.15 -11.54 11.92
C GLY A 62 7.96 -10.84 13.26
N ALA A 63 9.05 -10.30 13.79
CA ALA A 63 9.00 -9.63 15.08
C ALA A 63 8.21 -8.32 14.99
N ALA A 64 8.34 -7.63 13.86
CA ALA A 64 7.57 -6.41 13.61
C ALA A 64 6.06 -6.70 13.60
N VAL A 65 5.66 -7.80 12.97
CA VAL A 65 4.24 -8.14 12.90
C VAL A 65 3.65 -8.33 14.32
N LYS A 66 4.30 -9.18 15.09
CA LYS A 66 3.93 -9.41 16.49
C LYS A 66 3.91 -8.11 17.31
N LYS A 67 4.95 -7.28 17.17
CA LYS A 67 5.01 -6.03 17.94
C LYS A 67 3.86 -5.12 17.53
N ALA A 68 3.68 -4.92 16.23
CA ALA A 68 2.57 -4.12 15.73
C ALA A 68 1.23 -4.54 16.31
N LEU A 69 0.96 -5.85 16.29
CA LEU A 69 -0.34 -6.34 16.73
C LEU A 69 -0.53 -6.14 18.24
N GLU A 70 0.56 -6.31 19.01
CA GLU A 70 0.52 -6.04 20.44
C GLU A 70 0.23 -4.57 20.75
N ILE A 71 0.84 -3.69 19.97
CA ILE A 71 0.63 -2.26 20.11
C ILE A 71 -0.83 -1.86 19.79
N GLY A 72 -1.47 -2.54 18.85
CA GLY A 72 -2.83 -2.22 18.50
C GLY A 72 -3.14 -2.21 17.00
N TYR A 73 -2.12 -2.22 16.15
CA TYR A 73 -2.35 -2.29 14.71
C TYR A 73 -3.29 -3.46 14.37
N ARG A 74 -4.21 -3.25 13.42
CA ARG A 74 -5.16 -4.29 13.01
C ARG A 74 -5.19 -4.41 11.48
N HIS A 75 -4.08 -4.03 10.86
CA HIS A 75 -4.00 -3.93 9.40
C HIS A 75 -2.54 -4.18 9.04
N LEU A 76 -2.28 -5.15 8.16
CA LEU A 76 -0.91 -5.44 7.72
C LEU A 76 -0.86 -5.34 6.21
N ASP A 77 0.14 -4.62 5.69
CA ASP A 77 0.27 -4.45 4.24
C ASP A 77 1.46 -5.26 3.70
N CYS A 78 1.18 -6.23 2.86
CA CYS A 78 2.21 -7.18 2.43
C CYS A 78 2.40 -7.15 0.92
N ALA A 79 3.38 -7.89 0.43
CA ALA A 79 3.55 -8.02 -1.02
C ALA A 79 4.38 -9.24 -1.35
N TYR A 80 3.98 -9.92 -2.42
CA TYR A 80 4.67 -11.11 -2.87
C TYR A 80 6.12 -10.80 -3.12
N VAL A 81 6.38 -9.61 -3.69
CA VAL A 81 7.71 -9.27 -4.18
C VAL A 81 8.76 -9.08 -3.07
N TYR A 82 8.32 -8.88 -1.83
CA TYR A 82 9.26 -8.71 -0.72
C TYR A 82 9.80 -10.07 -0.27
N ARG A 83 9.19 -11.14 -0.77
CA ARG A 83 9.65 -12.50 -0.53
C ARG A 83 9.73 -12.86 0.95
N ASN A 84 8.78 -12.37 1.75
CA ASN A 84 8.77 -12.67 3.18
C ASN A 84 7.37 -12.97 3.71
N GLU A 85 6.45 -13.31 2.82
CA GLU A 85 5.07 -13.56 3.25
C GLU A 85 4.98 -14.84 4.07
N ALA A 86 5.93 -15.75 3.89
CA ALA A 86 5.95 -16.97 4.69
C ALA A 86 6.33 -16.67 6.14
N GLU A 87 7.31 -15.78 6.32
CA GLU A 87 7.69 -15.34 7.66
C GLU A 87 6.56 -14.55 8.31
N ILE A 88 5.87 -13.75 7.50
CA ILE A 88 4.73 -12.98 7.99
C ILE A 88 3.59 -13.92 8.41
N GLY A 89 3.23 -14.84 7.53
CA GLY A 89 2.18 -15.79 7.81
C GLY A 89 2.37 -16.52 9.13
N GLU A 90 3.60 -16.92 9.43
CA GLU A 90 3.88 -17.66 10.65
C GLU A 90 3.76 -16.75 11.87
N ALA A 91 4.41 -15.60 11.81
CA ALA A 91 4.31 -14.63 12.89
C ALA A 91 2.84 -14.26 13.14
N LEU A 92 2.09 -14.07 12.06
CA LEU A 92 0.67 -13.73 12.16
C LEU A 92 -0.12 -14.82 12.88
N GLU A 93 0.12 -16.07 12.48
CA GLU A 93 -0.65 -17.18 13.02
C GLU A 93 -0.38 -17.32 14.51
N ASN A 94 0.88 -17.17 14.89
CA ASN A 94 1.23 -17.27 16.29
C ASN A 94 0.67 -16.11 17.11
N ALA A 95 0.65 -14.92 16.52
CA ALA A 95 0.11 -13.75 17.21
C ALA A 95 -1.39 -13.83 17.44
N LEU A 96 -2.15 -14.24 16.43
CA LEU A 96 -3.59 -14.38 16.62
C LEU A 96 -3.86 -15.31 17.80
N ASN A 97 -3.07 -16.37 17.88
CA ASN A 97 -3.26 -17.34 18.93
C ASN A 97 -2.91 -16.78 20.31
N SER A 98 -1.72 -16.19 20.44
CA SER A 98 -1.28 -15.67 21.74
C SER A 98 -2.04 -14.43 22.20
N LEU A 99 -2.54 -13.64 21.25
CA LEU A 99 -3.33 -12.45 21.59
C LEU A 99 -4.82 -12.75 21.61
N ARG A 100 -5.15 -14.01 21.35
CA ARG A 100 -6.56 -14.44 21.26
C ARG A 100 -7.38 -13.47 20.40
N LEU A 101 -6.88 -13.24 19.18
CA LEU A 101 -7.60 -12.45 18.18
C LEU A 101 -8.12 -13.34 17.06
N LYS A 102 -9.26 -12.97 16.50
CA LYS A 102 -9.83 -13.68 15.36
C LYS A 102 -9.33 -13.12 14.03
N ARG A 103 -9.27 -13.99 13.03
CA ARG A 103 -8.90 -13.62 11.66
C ARG A 103 -9.64 -12.36 11.22
N GLU A 104 -10.94 -12.32 11.46
CA GLU A 104 -11.74 -11.21 10.92
C GLU A 104 -11.50 -9.90 11.65
N ASP A 105 -10.67 -9.93 12.69
CA ASP A 105 -10.27 -8.71 13.39
C ASP A 105 -9.10 -8.01 12.70
N ILE A 106 -8.47 -8.67 11.74
CA ILE A 106 -7.30 -8.11 11.08
C ILE A 106 -7.59 -7.87 9.61
N PHE A 107 -7.02 -6.78 9.09
CA PHE A 107 -7.12 -6.47 7.67
C PHE A 107 -5.78 -6.80 7.00
N ILE A 108 -5.78 -7.76 6.08
CA ILE A 108 -4.55 -8.20 5.43
C ILE A 108 -4.53 -7.85 3.95
N THR A 109 -3.52 -7.11 3.53
CA THR A 109 -3.35 -6.75 2.13
C THR A 109 -2.15 -7.46 1.55
N SER A 110 -2.30 -7.98 0.33
CA SER A 110 -1.15 -8.40 -0.44
C SER A 110 -1.27 -7.87 -1.86
N LYS A 111 -0.26 -8.14 -2.67
CA LYS A 111 -0.21 -7.52 -3.98
C LYS A 111 0.28 -8.52 -5.02
N LEU A 112 -0.35 -8.47 -6.18
CA LEU A 112 0.02 -9.32 -7.31
C LEU A 112 1.24 -8.74 -7.99
N TRP A 113 2.30 -9.53 -8.12
CA TRP A 113 3.55 -9.04 -8.71
C TRP A 113 3.58 -9.07 -10.24
N ASN A 114 4.34 -8.14 -10.82
CA ASN A 114 4.36 -7.88 -12.28
C ASN A 114 4.55 -9.10 -13.19
N THR A 115 5.23 -10.14 -12.70
CA THR A 115 5.52 -11.32 -13.52
C THR A 115 4.33 -12.28 -13.64
N PHE A 116 3.24 -11.97 -12.93
CA PHE A 116 2.07 -12.84 -12.90
C PHE A 116 0.81 -12.13 -13.41
N PHE A 117 0.97 -11.07 -14.20
CA PHE A 117 -0.15 -10.29 -14.70
C PHE A 117 -0.94 -10.97 -15.84
N ARG A 118 -0.29 -11.88 -16.57
CA ARG A 118 -1.04 -12.62 -17.59
C ARG A 118 -2.15 -13.42 -16.92
N PRO A 119 -3.34 -13.40 -17.53
CA PRO A 119 -4.55 -13.95 -16.90
C PRO A 119 -4.34 -15.36 -16.35
N GLU A 120 -3.63 -16.21 -17.09
CA GLU A 120 -3.50 -17.61 -16.72
C GLU A 120 -2.65 -17.83 -15.46
N HIS A 121 -1.98 -16.78 -14.98
CA HIS A 121 -1.10 -16.89 -13.82
C HIS A 121 -1.64 -16.23 -12.54
N VAL A 122 -2.61 -15.34 -12.68
CA VAL A 122 -3.13 -14.59 -11.54
C VAL A 122 -3.60 -15.48 -10.38
N ARG A 123 -4.40 -16.51 -10.68
CA ARG A 123 -4.98 -17.37 -9.65
C ARG A 123 -3.91 -18.04 -8.80
N LYS A 124 -2.93 -18.65 -9.46
CA LYS A 124 -1.90 -19.36 -8.73
C LYS A 124 -1.07 -18.43 -7.87
N ALA A 125 -0.82 -17.22 -8.35
CA ALA A 125 -0.03 -16.27 -7.58
C ALA A 125 -0.77 -15.90 -6.29
N CYS A 126 -2.07 -15.69 -6.40
CA CYS A 126 -2.87 -15.38 -5.23
C CYS A 126 -2.86 -16.55 -4.26
N GLU A 127 -3.07 -17.75 -4.79
CA GLU A 127 -3.12 -18.96 -3.99
C GLU A 127 -1.81 -19.20 -3.28
N GLU A 128 -0.72 -18.83 -3.94
CA GLU A 128 0.61 -18.97 -3.39
C GLU A 128 0.81 -18.02 -2.22
N THR A 129 0.46 -16.75 -2.43
CA THR A 129 0.49 -15.75 -1.39
C THR A 129 -0.34 -16.18 -0.17
N LEU A 130 -1.55 -16.71 -0.42
CA LEU A 130 -2.42 -17.15 0.67
C LEU A 130 -1.83 -18.34 1.41
N LYS A 131 -1.19 -19.22 0.65
CA LYS A 131 -0.49 -20.35 1.25
C LYS A 131 0.57 -19.84 2.21
N ASN A 132 1.45 -18.97 1.72
CA ASN A 132 2.53 -18.42 2.53
C ASN A 132 2.04 -17.63 3.75
N LEU A 133 0.97 -16.86 3.58
CA LEU A 133 0.40 -16.08 4.68
C LEU A 133 -0.43 -16.96 5.61
N ARG A 134 -0.70 -18.19 5.20
CA ARG A 134 -1.45 -19.11 6.02
C ARG A 134 -2.90 -18.64 6.23
N LEU A 135 -3.46 -18.04 5.18
CA LEU A 135 -4.80 -17.47 5.21
C LEU A 135 -5.72 -18.18 4.21
N ASN A 136 -7.02 -18.09 4.41
CA ASN A 136 -7.96 -18.63 3.44
C ASN A 136 -8.45 -17.56 2.48
N TYR A 137 -8.30 -16.30 2.88
CA TYR A 137 -8.67 -15.17 2.03
C TYR A 137 -7.86 -13.93 2.40
N LEU A 138 -7.79 -12.98 1.48
CA LEU A 138 -7.14 -11.70 1.71
C LEU A 138 -8.23 -10.65 1.82
N ASP A 139 -8.03 -9.64 2.66
CA ASP A 139 -8.98 -8.55 2.71
C ASP A 139 -8.84 -7.67 1.46
N LEU A 140 -7.62 -7.51 0.98
CA LEU A 140 -7.35 -6.63 -0.14
C LEU A 140 -6.18 -7.18 -0.99
N TYR A 141 -6.34 -7.14 -2.31
CA TYR A 141 -5.32 -7.62 -3.23
C TYR A 141 -5.18 -6.60 -4.33
N LEU A 142 -3.99 -6.02 -4.46
CA LEU A 142 -3.73 -4.93 -5.39
C LEU A 142 -2.88 -5.37 -6.56
N ILE A 143 -3.13 -4.82 -7.72
CA ILE A 143 -2.15 -4.93 -8.78
C ILE A 143 -0.96 -4.02 -8.44
N HIS A 144 0.23 -4.61 -8.30
CA HIS A 144 1.37 -3.88 -7.72
C HIS A 144 1.83 -2.69 -8.57
N TRP A 145 1.85 -2.89 -9.88
CA TRP A 145 2.27 -1.88 -10.88
C TRP A 145 1.41 -2.08 -12.13
N PRO A 146 1.30 -1.04 -12.97
CA PRO A 146 0.69 -1.12 -14.31
C PRO A 146 1.65 -1.65 -15.40
N VAL A 147 2.84 -2.10 -14.99
CA VAL A 147 3.86 -2.53 -15.95
C VAL A 147 4.18 -4.03 -15.85
N PRO A 148 3.63 -4.83 -16.77
CA PRO A 148 3.89 -6.27 -16.67
C PRO A 148 5.34 -6.61 -17.04
N LEU A 149 5.87 -7.67 -16.43
CA LEU A 149 7.21 -8.15 -16.67
C LEU A 149 7.11 -9.61 -17.12
N LYS A 150 8.11 -10.08 -17.87
CA LYS A 150 8.08 -11.44 -18.41
C LYS A 150 7.92 -12.49 -17.31
N HIS A 151 7.00 -13.41 -17.52
CA HIS A 151 6.76 -14.47 -16.54
C HIS A 151 7.76 -15.62 -16.69
N GLY A 152 8.04 -16.30 -15.59
CA GLY A 152 8.71 -17.59 -15.66
C GLY A 152 10.17 -17.60 -15.27
N GLY A 153 10.54 -16.73 -14.34
CA GLY A 153 11.91 -16.66 -13.90
C GLY A 153 12.04 -15.85 -12.64
N ASP A 154 12.96 -14.89 -12.68
CA ASP A 154 13.20 -14.05 -11.53
C ASP A 154 12.16 -12.94 -11.41
N LEU A 155 12.05 -12.34 -10.23
CA LEU A 155 11.02 -11.33 -10.03
C LEU A 155 11.26 -10.11 -10.88
N PHE A 156 12.53 -9.84 -11.17
CA PHE A 156 12.90 -8.78 -12.10
C PHE A 156 13.66 -9.39 -13.27
N PRO A 157 12.94 -9.97 -14.25
CA PRO A 157 13.62 -10.61 -15.39
C PRO A 157 14.51 -9.59 -16.07
N THR A 158 15.76 -9.92 -16.32
CA THR A 158 16.72 -8.92 -16.81
C THR A 158 17.59 -9.42 -17.98
N ASP A 159 17.90 -8.53 -18.92
CA ASP A 159 18.83 -8.81 -20.02
C ASP A 159 20.22 -9.07 -19.51
N SER A 160 21.16 -9.16 -20.45
CA SER A 160 22.58 -9.05 -20.13
C SER A 160 23.05 -7.65 -20.55
N ASN A 161 22.10 -6.79 -20.91
CA ASN A 161 22.33 -5.35 -21.05
C ASN A 161 21.86 -4.71 -19.74
N GLY A 162 21.39 -5.55 -18.82
CA GLY A 162 20.80 -5.05 -17.58
C GLY A 162 19.40 -4.46 -17.75
N GLN A 163 18.79 -4.64 -18.92
CA GLN A 163 17.45 -4.15 -19.18
C GLN A 163 16.42 -5.13 -18.64
N LEU A 164 15.32 -4.59 -18.13
CA LEU A 164 14.19 -5.40 -17.66
C LEU A 164 13.52 -6.08 -18.86
N CYS A 165 13.06 -7.31 -18.68
CA CYS A 165 12.32 -8.01 -19.73
C CYS A 165 10.83 -7.69 -19.57
N LEU A 166 10.36 -6.74 -20.38
CA LEU A 166 8.98 -6.27 -20.31
C LEU A 166 7.99 -7.27 -20.91
N ASP A 167 6.73 -7.16 -20.50
CA ASP A 167 5.67 -7.95 -21.12
C ASP A 167 4.52 -7.02 -21.48
N ASN A 168 3.60 -7.48 -22.33
CA ASN A 168 2.44 -6.69 -22.70
C ASN A 168 1.13 -7.39 -22.33
N VAL A 169 0.41 -6.84 -21.36
CA VAL A 169 -0.84 -7.43 -20.88
C VAL A 169 -1.83 -6.33 -20.55
N PRO A 170 -2.96 -6.28 -21.28
CA PRO A 170 -3.89 -5.19 -20.99
C PRO A 170 -4.34 -5.20 -19.54
N HIS A 171 -4.43 -4.02 -18.96
CA HIS A 171 -4.87 -3.89 -17.57
C HIS A 171 -6.21 -4.55 -17.33
N GLU A 172 -7.15 -4.39 -18.26
CA GLU A 172 -8.50 -4.92 -18.07
C GLU A 172 -8.54 -6.44 -18.07
N ASP A 173 -7.57 -7.06 -18.75
CA ASP A 173 -7.48 -8.53 -18.77
C ASP A 173 -7.00 -9.08 -17.43
N THR A 174 -5.99 -8.46 -16.84
CA THR A 174 -5.55 -8.87 -15.52
C THR A 174 -6.69 -8.65 -14.54
N TRP A 175 -7.39 -7.53 -14.69
CA TRP A 175 -8.45 -7.19 -13.76
C TRP A 175 -9.56 -8.22 -13.77
N LYS A 176 -9.88 -8.76 -14.94
CA LYS A 176 -10.92 -9.77 -15.03
C LYS A 176 -10.60 -10.95 -14.10
N GLU A 177 -9.33 -11.35 -14.08
CA GLU A 177 -8.92 -12.44 -13.19
C GLU A 177 -8.98 -12.03 -11.73
N MET A 178 -8.70 -10.75 -11.46
CA MET A 178 -8.78 -10.25 -10.09
C MET A 178 -10.23 -10.35 -9.63
N GLU A 179 -11.13 -10.09 -10.56
CA GLU A 179 -12.56 -10.07 -10.22
C GLU A 179 -13.01 -11.45 -9.83
N LYS A 180 -12.45 -12.47 -10.48
CA LYS A 180 -12.83 -13.84 -10.20
C LYS A 180 -12.40 -14.24 -8.79
N LEU A 181 -11.31 -13.66 -8.31
CA LEU A 181 -10.86 -13.93 -6.95
C LEU A 181 -11.91 -13.47 -5.96
N VAL A 182 -12.57 -12.36 -6.27
CA VAL A 182 -13.65 -11.87 -5.42
C VAL A 182 -14.86 -12.83 -5.51
N ASP A 183 -15.25 -13.19 -6.74
CA ASP A 183 -16.34 -14.13 -6.95
C ASP A 183 -16.17 -15.40 -6.10
N GLU A 184 -14.93 -15.89 -6.03
CA GLU A 184 -14.63 -17.16 -5.39
C GLU A 184 -14.40 -17.05 -3.89
N GLY A 185 -14.39 -15.84 -3.35
CA GLY A 185 -14.15 -15.67 -1.93
C GLY A 185 -12.70 -15.70 -1.47
N LEU A 186 -11.76 -15.82 -2.40
CA LEU A 186 -10.34 -15.80 -2.06
C LEU A 186 -9.89 -14.40 -1.65
N VAL A 187 -10.57 -13.39 -2.17
CA VAL A 187 -10.26 -12.00 -1.87
C VAL A 187 -11.54 -11.21 -1.63
N LYS A 188 -11.57 -10.34 -0.62
CA LYS A 188 -12.78 -9.55 -0.35
C LYS A 188 -12.90 -8.31 -1.23
N SER A 189 -11.77 -7.61 -1.40
CA SER A 189 -11.75 -6.38 -2.18
C SER A 189 -10.50 -6.38 -3.04
N ILE A 190 -10.58 -5.78 -4.21
CA ILE A 190 -9.42 -5.66 -5.09
C ILE A 190 -9.10 -4.19 -5.39
N GLY A 191 -7.86 -3.91 -5.77
CA GLY A 191 -7.46 -2.54 -6.04
C GLY A 191 -6.19 -2.38 -6.86
N LEU A 192 -5.65 -1.15 -6.87
CA LEU A 192 -4.54 -0.80 -7.75
C LEU A 192 -3.40 -0.18 -6.96
N SER A 193 -2.18 -0.36 -7.46
CA SER A 193 -1.02 0.29 -6.89
C SER A 193 -0.21 0.96 -7.99
N ASN A 194 0.19 2.22 -7.77
CA ASN A 194 1.00 2.95 -8.75
C ASN A 194 0.34 3.10 -10.12
N PHE A 195 -0.99 3.19 -10.15
CA PHE A 195 -1.69 3.47 -11.41
C PHE A 195 -1.93 4.96 -11.49
N ASN A 196 -1.92 5.53 -12.68
CA ASN A 196 -2.24 6.95 -12.83
C ASN A 196 -3.71 7.16 -13.17
N LYS A 197 -4.14 8.42 -13.29
CA LYS A 197 -5.55 8.73 -13.51
C LYS A 197 -6.10 8.03 -14.73
N ARG A 198 -5.40 8.21 -15.86
CA ARG A 198 -5.74 7.60 -17.15
C ARG A 198 -5.98 6.11 -16.99
N GLN A 199 -5.05 5.45 -16.31
CA GLN A 199 -5.09 3.99 -16.17
C GLN A 199 -6.24 3.55 -15.27
N ILE A 200 -6.51 4.32 -14.22
CA ILE A 200 -7.66 4.03 -13.36
C ILE A 200 -8.97 4.24 -14.13
N GLN A 201 -9.07 5.34 -14.87
CA GLN A 201 -10.24 5.59 -15.71
C GLN A 201 -10.55 4.36 -16.54
N ASN A 202 -9.54 3.83 -17.22
CA ASN A 202 -9.71 2.68 -18.09
C ASN A 202 -10.21 1.44 -17.33
N ILE A 203 -9.64 1.19 -16.15
CA ILE A 203 -10.10 0.07 -15.32
C ILE A 203 -11.59 0.26 -14.98
N LEU A 204 -11.95 1.47 -14.59
CA LEU A 204 -13.34 1.74 -14.17
C LEU A 204 -14.32 1.66 -15.34
N GLU A 205 -13.82 1.96 -16.53
CA GLU A 205 -14.64 1.92 -17.74
C GLU A 205 -14.98 0.49 -18.15
N HIS A 206 -14.14 -0.47 -17.77
CA HIS A 206 -14.30 -1.85 -18.24
C HIS A 206 -14.76 -2.81 -17.15
N CYS A 207 -14.68 -2.39 -15.90
CA CYS A 207 -14.79 -3.34 -14.79
C CYS A 207 -16.22 -3.74 -14.47
N ARG A 208 -16.36 -4.94 -13.93
CA ARG A 208 -17.61 -5.39 -13.37
C ARG A 208 -17.59 -5.10 -11.87
N ILE A 209 -16.39 -5.22 -11.27
CA ILE A 209 -16.18 -4.92 -9.85
C ILE A 209 -15.16 -3.79 -9.74
N LYS A 210 -15.57 -2.69 -9.13
CA LYS A 210 -14.70 -1.52 -9.06
C LYS A 210 -13.54 -1.74 -8.10
N PRO A 211 -12.40 -1.14 -8.42
CA PRO A 211 -11.29 -1.14 -7.46
C PRO A 211 -11.79 -0.44 -6.20
N ALA A 212 -11.41 -0.96 -5.03
CA ALA A 212 -11.83 -0.39 -3.76
C ALA A 212 -10.76 0.54 -3.19
N ASN A 213 -9.54 0.39 -3.69
CA ASN A 213 -8.42 1.09 -3.08
C ASN A 213 -7.29 1.35 -4.07
N LEU A 214 -6.62 2.50 -3.90
CA LEU A 214 -5.46 2.85 -4.71
C LEU A 214 -4.34 3.12 -3.71
N GLN A 215 -3.19 2.48 -3.91
CA GLN A 215 -2.03 2.72 -3.05
C GLN A 215 -0.96 3.39 -3.89
N ILE A 216 -0.47 4.53 -3.43
CA ILE A 216 0.49 5.33 -4.17
C ILE A 216 1.38 6.05 -3.18
N GLU A 217 2.51 6.57 -3.66
CA GLU A 217 3.40 7.38 -2.82
C GLU A 217 2.75 8.70 -2.45
N ILE A 218 2.62 8.93 -1.16
CA ILE A 218 2.06 10.19 -0.66
C ILE A 218 2.74 10.58 0.66
N HIS A 219 3.23 11.82 0.72
CA HIS A 219 3.81 12.36 1.94
C HIS A 219 4.00 13.86 1.77
N ALA A 220 4.41 14.52 2.84
CA ALA A 220 4.46 15.97 2.82
C ALA A 220 5.37 16.53 1.73
N ASN A 221 6.35 15.74 1.29
CA ASN A 221 7.27 16.17 0.25
C ASN A 221 6.82 15.72 -1.14
N PHE A 222 5.70 15.00 -1.18
CA PHE A 222 5.05 14.65 -2.44
C PHE A 222 3.56 14.40 -2.23
N PRO A 223 2.77 15.49 -2.20
CA PRO A 223 1.39 15.38 -1.74
C PRO A 223 0.48 14.62 -2.71
N ASN A 224 0.86 14.53 -3.98
CA ASN A 224 0.08 13.80 -4.97
C ASN A 224 -1.39 14.22 -4.96
N ILE A 225 -1.63 15.54 -4.85
CA ILE A 225 -2.98 16.09 -4.67
C ILE A 225 -3.97 15.75 -5.79
N LYS A 226 -3.59 16.02 -7.03
CA LYS A 226 -4.51 15.84 -8.16
C LYS A 226 -5.00 14.40 -8.30
N LEU A 227 -4.08 13.45 -8.18
CA LEU A 227 -4.43 12.04 -8.28
C LEU A 227 -5.30 11.62 -7.10
N VAL A 228 -4.94 12.08 -5.90
CA VAL A 228 -5.72 11.71 -4.72
C VAL A 228 -7.14 12.25 -4.84
N GLU A 229 -7.26 13.50 -5.28
CA GLU A 229 -8.58 14.09 -5.42
C GLU A 229 -9.38 13.33 -6.47
N TYR A 230 -8.74 12.99 -7.58
CA TYR A 230 -9.40 12.20 -8.61
C TYR A 230 -9.89 10.86 -8.06
N ALA A 231 -9.00 10.10 -7.43
CA ALA A 231 -9.38 8.78 -6.95
C ALA A 231 -10.56 8.85 -5.96
N GLN A 232 -10.50 9.76 -5.01
CA GLN A 232 -11.59 9.92 -4.05
C GLN A 232 -12.88 10.35 -4.76
N SER A 233 -12.76 11.19 -5.79
CA SER A 233 -13.94 11.64 -6.52
C SER A 233 -14.70 10.47 -7.16
N VAL A 234 -14.00 9.43 -7.58
CA VAL A 234 -14.68 8.26 -8.15
C VAL A 234 -14.90 7.15 -7.11
N GLY A 235 -14.71 7.50 -5.83
CA GLY A 235 -15.12 6.60 -4.77
C GLY A 235 -14.08 5.60 -4.28
N LEU A 236 -12.86 5.68 -4.81
CA LEU A 236 -11.79 4.82 -4.30
C LEU A 236 -11.33 5.37 -2.96
N THR A 237 -10.84 4.50 -2.08
CA THR A 237 -10.07 4.96 -0.93
C THR A 237 -8.62 4.96 -1.38
N VAL A 238 -7.80 5.74 -0.68
CA VAL A 238 -6.43 5.93 -1.11
C VAL A 238 -5.47 5.69 0.04
N THR A 239 -4.45 4.89 -0.22
CA THR A 239 -3.46 4.55 0.79
C THR A 239 -2.15 5.22 0.43
N ALA A 240 -1.53 5.84 1.43
CA ALA A 240 -0.25 6.49 1.21
C ALA A 240 0.85 5.51 1.55
N TYR A 241 1.67 5.16 0.59
CA TYR A 241 2.86 4.43 0.95
C TYR A 241 4.05 5.38 1.07
N ALA A 242 5.10 4.92 1.74
CA ALA A 242 6.23 5.78 2.09
C ALA A 242 5.72 7.10 2.69
N PRO A 243 4.83 7.01 3.71
CA PRO A 243 4.17 8.17 4.30
C PRO A 243 5.13 9.10 5.05
N LEU A 244 6.27 8.56 5.46
CA LEU A 244 7.32 9.37 6.09
C LEU A 244 8.39 9.80 5.09
N GLY A 245 8.16 9.52 3.81
CA GLY A 245 9.16 9.81 2.78
C GLY A 245 10.48 9.07 2.97
N ASN A 255 15.32 15.29 4.02
CA ASN A 255 14.74 14.46 5.08
C ASN A 255 13.52 15.10 5.75
N LEU A 256 12.38 14.40 5.70
CA LEU A 256 11.12 14.98 6.14
C LEU A 256 11.04 15.20 7.64
N LEU A 257 11.53 14.22 8.39
CA LEU A 257 11.48 14.27 9.84
C LEU A 257 12.26 15.46 10.38
N THR A 258 12.99 16.11 9.49
CA THR A 258 13.92 17.16 9.87
C THR A 258 13.47 18.57 9.40
N LYS A 259 12.44 18.63 8.58
CA LYS A 259 11.94 19.88 8.02
C LYS A 259 11.51 20.83 9.15
N PRO A 260 11.90 22.12 9.07
CA PRO A 260 11.58 23.04 10.16
C PRO A 260 10.08 23.14 10.50
N CYS A 261 9.21 23.29 9.51
CA CYS A 261 7.78 23.45 9.78
C CYS A 261 7.23 22.20 10.43
N VAL A 262 7.72 21.05 9.99
CA VAL A 262 7.36 19.78 10.63
C VAL A 262 7.74 19.78 12.11
N LEU A 263 8.94 20.24 12.43
CA LEU A 263 9.40 20.25 13.82
C LEU A 263 8.62 21.27 14.66
N GLU A 264 8.39 22.45 14.10
CA GLU A 264 7.58 23.44 14.79
C GLU A 264 6.22 22.88 15.16
N ILE A 265 5.54 22.28 14.17
CA ILE A 265 4.19 21.75 14.41
C ILE A 265 4.18 20.60 15.41
N ALA A 266 5.15 19.70 15.31
CA ALA A 266 5.35 18.66 16.31
C ALA A 266 5.54 19.26 17.72
N HIS A 267 6.36 20.30 17.82
CA HIS A 267 6.59 20.92 19.12
C HIS A 267 5.32 21.53 19.67
N ARG A 268 4.58 22.22 18.81
CA ARG A 268 3.36 22.90 19.23
C ARG A 268 2.37 21.90 19.82
N HIS A 269 2.29 20.72 19.20
CA HIS A 269 1.35 19.70 19.64
C HIS A 269 1.96 18.72 20.64
N LYS A 270 3.24 18.88 20.94
CA LYS A 270 3.95 17.95 21.81
C LYS A 270 3.85 16.52 21.29
N LYS A 271 4.09 16.37 19.98
CA LYS A 271 4.14 15.08 19.35
C LYS A 271 5.44 15.02 18.59
N THR A 272 5.78 13.84 18.07
CA THR A 272 6.99 13.69 17.26
C THR A 272 6.74 14.03 15.80
N PRO A 273 7.82 14.34 15.08
CA PRO A 273 7.75 14.66 13.66
C PRO A 273 7.02 13.58 12.84
N ALA A 274 7.36 12.31 13.04
CA ALA A 274 6.72 11.24 12.31
C ALA A 274 5.22 11.27 12.56
N GLN A 275 4.86 11.57 13.80
CA GLN A 275 3.46 11.62 14.18
C GLN A 275 2.70 12.76 13.48
N VAL A 276 3.36 13.90 13.31
CA VAL A 276 2.78 15.01 12.57
C VAL A 276 2.62 14.65 11.09
N LEU A 277 3.65 14.02 10.51
CA LEU A 277 3.63 13.63 9.09
C LEU A 277 2.48 12.65 8.77
N LEU A 278 2.25 11.70 9.67
CA LEU A 278 1.16 10.75 9.50
C LEU A 278 -0.21 11.40 9.71
N ARG A 279 -0.33 12.25 10.72
CA ARG A 279 -1.61 12.91 10.99
C ARG A 279 -2.00 13.77 9.80
N TYR A 280 -1.00 14.36 9.16
CA TYR A 280 -1.20 15.17 7.99
C TYR A 280 -1.93 14.36 6.91
N LEU A 281 -1.46 13.14 6.68
CA LEU A 281 -2.05 12.27 5.68
C LEU A 281 -3.41 11.77 6.13
N LEU A 282 -3.51 11.43 7.42
CA LEU A 282 -4.80 10.97 7.93
C LEU A 282 -5.91 12.03 7.76
N GLN A 283 -5.57 13.29 7.97
CA GLN A 283 -6.56 14.36 7.84
C GLN A 283 -6.93 14.67 6.39
N ARG A 284 -6.15 14.14 5.44
CA ARG A 284 -6.55 14.17 4.04
C ARG A 284 -7.39 12.93 3.65
N LYS A 285 -7.84 12.20 4.66
CA LYS A 285 -8.71 11.04 4.48
C LYS A 285 -8.00 9.87 3.81
N LEU A 286 -6.72 9.70 4.15
CA LEU A 286 -5.89 8.62 3.61
C LEU A 286 -5.69 7.52 4.63
N ILE A 287 -5.46 6.31 4.14
CA ILE A 287 -4.93 5.22 4.96
C ILE A 287 -3.43 5.41 4.95
N VAL A 288 -2.73 5.00 6.00
CA VAL A 288 -1.27 5.06 5.97
C VAL A 288 -0.66 3.72 6.36
N VAL A 289 0.42 3.35 5.67
CA VAL A 289 1.10 2.09 5.95
C VAL A 289 2.61 2.32 6.12
N PRO A 290 3.00 3.05 7.18
CA PRO A 290 4.42 3.32 7.45
C PRO A 290 5.18 2.02 7.67
N LYS A 291 6.30 1.86 6.97
CA LYS A 291 7.15 0.68 7.11
C LYS A 291 8.11 0.81 8.29
N SER A 292 8.21 -0.23 9.10
CA SER A 292 9.23 -0.24 10.14
C SER A 292 9.45 -1.64 10.70
N VAL A 293 10.68 -1.91 11.09
CA VAL A 293 10.98 -3.11 11.84
C VAL A 293 11.58 -2.76 13.20
N THR A 294 11.69 -1.45 13.48
CA THR A 294 12.17 -0.97 14.78
C THR A 294 11.01 -0.81 15.76
N PHE A 295 11.04 -1.56 16.86
CA PHE A 295 9.96 -1.55 17.86
C PHE A 295 9.51 -0.13 18.26
N LYS A 296 10.46 0.72 18.64
CA LYS A 296 10.11 2.08 19.09
C LYS A 296 9.40 2.89 18.02
N ARG A 297 9.78 2.70 16.76
CA ARG A 297 9.16 3.42 15.64
C ARG A 297 7.77 2.87 15.38
N ILE A 298 7.65 1.54 15.40
CA ILE A 298 6.35 0.93 15.22
C ILE A 298 5.38 1.51 16.24
N GLU A 299 5.82 1.63 17.49
CA GLU A 299 4.96 2.15 18.54
C GLU A 299 4.64 3.63 18.33
N GLU A 300 5.67 4.43 18.10
CA GLU A 300 5.50 5.85 17.85
C GLU A 300 4.50 6.13 16.71
N ASN A 301 4.64 5.42 15.60
CA ASN A 301 3.77 5.64 14.43
C ASN A 301 2.29 5.46 14.75
N PHE A 302 1.99 4.70 15.79
CA PHE A 302 0.61 4.36 16.09
C PHE A 302 -0.07 5.43 16.97
N GLN A 303 0.72 6.28 17.62
CA GLN A 303 0.13 7.26 18.54
C GLN A 303 -0.22 8.55 17.80
N VAL A 304 -1.19 8.46 16.89
CA VAL A 304 -1.53 9.60 16.04
C VAL A 304 -3.01 9.93 16.08
N PHE A 305 -3.72 9.49 17.12
CA PHE A 305 -5.17 9.64 17.17
C PHE A 305 -5.66 10.49 18.34
N ASP A 306 -4.77 11.30 18.92
CA ASP A 306 -5.17 12.12 20.07
C ASP A 306 -4.83 13.60 19.92
N PHE A 307 -4.77 14.06 18.69
CA PHE A 307 -4.56 15.47 18.41
C PHE A 307 -5.04 15.78 17.01
N GLN A 308 -5.09 17.06 16.70
CA GLN A 308 -5.58 17.50 15.40
C GLN A 308 -4.72 18.65 14.89
N LEU A 309 -4.25 18.53 13.65
CA LEU A 309 -3.59 19.63 12.98
C LEU A 309 -4.65 20.65 12.55
N SER A 310 -4.34 21.92 12.72
CA SER A 310 -5.25 22.99 12.31
C SER A 310 -5.16 23.21 10.80
N ASN A 311 -6.12 23.92 10.24
CA ASN A 311 -6.12 24.24 8.81
C ASN A 311 -4.83 24.95 8.37
N GLU A 312 -4.34 25.85 9.22
CA GLU A 312 -3.13 26.61 8.90
C GLU A 312 -1.92 25.69 8.88
N GLU A 313 -1.86 24.79 9.86
CA GLU A 313 -0.78 23.81 9.87
C GLU A 313 -0.84 22.93 8.62
N MET A 314 -2.04 22.48 8.24
CA MET A 314 -2.18 21.65 7.06
C MET A 314 -1.67 22.40 5.85
N HIS A 315 -2.10 23.65 5.71
CA HIS A 315 -1.72 24.46 4.57
C HIS A 315 -0.21 24.67 4.51
N GLU A 316 0.40 24.94 5.67
CA GLU A 316 1.84 25.18 5.73
C GLU A 316 2.61 23.99 5.20
N LEU A 317 2.26 22.78 5.66
CA LEU A 317 2.93 21.58 5.18
C LEU A 317 2.82 21.46 3.66
N ASN A 318 1.64 21.74 3.11
CA ASN A 318 1.45 21.71 1.67
C ASN A 318 2.32 22.73 0.93
N THR A 319 2.31 23.98 1.38
CA THR A 319 3.08 25.01 0.69
C THR A 319 4.62 24.83 0.79
N GLU A 320 5.06 24.13 1.83
CA GLU A 320 6.49 23.87 2.02
C GLU A 320 7.00 22.61 1.32
N SER A 321 6.09 21.87 0.69
CA SER A 321 6.46 20.62 0.02
C SER A 321 7.50 20.84 -1.08
N LEU A 322 8.31 19.82 -1.35
CA LEU A 322 9.40 19.93 -2.33
C LEU A 322 9.04 20.26 -3.79
N ASN A 323 8.10 19.56 -4.43
CA ASN A 323 7.63 18.24 -4.06
C ASN A 323 8.16 17.30 -5.13
N GLU A 324 8.84 16.25 -4.74
CA GLU A 324 9.53 15.43 -5.71
C GLU A 324 9.26 13.96 -5.44
N ARG A 325 8.95 13.22 -6.50
CA ARG A 325 8.68 11.80 -6.39
C ARG A 325 9.92 11.04 -5.96
N GLN A 326 9.80 10.26 -4.89
CA GLN A 326 10.94 9.46 -4.41
C GLN A 326 11.02 8.09 -5.09
N PHE A 327 9.88 7.50 -5.41
CA PHE A 327 9.87 6.15 -5.99
C PHE A 327 9.45 6.18 -7.45
N THR A 328 10.45 6.12 -8.32
CA THR A 328 10.29 6.36 -9.75
C THR A 328 10.45 5.12 -10.61
N LEU A 329 11.03 4.07 -10.05
CA LEU A 329 11.30 2.84 -10.80
C LEU A 329 11.65 3.08 -12.30
N LEU A 330 12.69 3.86 -12.57
CA LEU A 330 13.01 4.27 -13.94
C LEU A 330 13.29 3.12 -14.88
N GLN A 331 13.68 1.96 -14.36
CA GLN A 331 13.95 0.82 -15.23
C GLN A 331 12.70 0.35 -15.98
N MET A 332 11.53 0.85 -15.60
CA MET A 332 10.28 0.51 -16.29
C MET A 332 9.80 1.65 -17.18
N SER A 333 10.62 2.69 -17.32
CA SER A 333 10.17 3.94 -17.93
C SER A 333 9.98 3.80 -19.42
N GLY A 334 10.43 2.69 -19.97
CA GLY A 334 10.33 2.48 -21.41
C GLY A 334 9.02 1.85 -21.80
N HIS A 335 8.26 1.37 -20.82
CA HIS A 335 7.02 0.68 -21.11
C HIS A 335 5.91 1.64 -21.44
N GLN A 336 5.04 1.21 -22.36
CA GLN A 336 3.84 1.93 -22.72
C GLN A 336 3.06 2.40 -21.50
N GLU A 337 2.99 1.56 -20.46
CA GLU A 337 2.15 1.88 -19.30
C GLU A 337 2.96 2.37 -18.10
N TYR A 338 4.19 2.82 -18.33
CA TYR A 338 4.94 3.42 -17.24
C TYR A 338 4.09 4.57 -16.73
N PRO A 339 3.79 4.60 -15.42
CA PRO A 339 2.75 5.49 -14.91
C PRO A 339 3.13 6.96 -14.65
N PHE A 340 4.41 7.29 -14.59
CA PHE A 340 4.82 8.58 -14.02
C PHE A 340 5.26 9.63 -15.03
N LYS A 341 5.06 9.37 -16.31
CA LYS A 341 5.42 10.40 -17.29
C LYS A 341 4.29 11.42 -17.47
N GLU A 342 3.05 10.96 -17.40
CA GLU A 342 1.90 11.87 -17.42
C GLU A 342 1.89 12.74 -16.17
N GLU A 343 1.19 13.86 -16.23
CA GLU A 343 1.19 14.79 -15.11
C GLU A 343 0.73 14.09 -13.82
N TYR A 344 -0.32 13.29 -13.93
CA TYR A 344 -0.84 12.53 -12.79
C TYR A 344 -1.85 11.50 -13.28
#